data_8T29
#
_entry.id   8T29
#
_cell.length_a   77.437
_cell.length_b   81.188
_cell.length_c   321.188
_cell.angle_alpha   90.000
_cell.angle_beta   90.000
_cell.angle_gamma   90.000
#
_symmetry.space_group_name_H-M   'I 2 2 2'
#
loop_
_entity.id
_entity.type
_entity.pdbx_description
1 polymer 'RNA (90-MER)'
2 polymer 'BL3-6 Fab heavy chain'
3 polymer 'BL3-6 Fab light chain'
#
loop_
_entity_poly.entity_id
_entity_poly.type
_entity_poly.pdbx_seq_one_letter_code
_entity_poly.pdbx_strand_id
1 'polyribonucleotide'
;GGUUGCUCGACUGUGAGGGGACCUACCCACUGUGGAAACACCACAGGAACUUCCAACCUUCGGGUGGCGAGGUAGGGCAG
AAGAGUGACC
;
R
2 'polypeptide(L)'
;EISEVQLVESGGGLVQPGGSLRLSCAASGFYISYSSIHWVRQAPGKGLEWVASISPYSGSTYYADSVKGRFTISADTSKN
TAYLQMNSLRAEDTAVYYCARQGYRRRSGRGFDYWGQGTLVTVSSASTKGPSVFPLAPSSKSTSGGTAALGCLVKDYFPE
PVTVSWNSGALTSGVHTFPAVLQSSGLYSLSSVVTVPSSSLGTQTYICNVNHKPSNTKVDKKVEPKSCDKTHT
;
A
3 'polypeptide(L)'
;SDIQMTQSPSSLSASVGDRVTITCRASQSVSSAVAWYQQKPGKAPKLLIYSASSLYSGVPSRFSGSRSGTDFTLTISSLQ
PEDFATYYCQQSYSFPSTFGQGTKVEIKRTVAAPSVFIFPPSDEQLKSGTASVVCLLNNFYPREAKVQWKVDNALQSGNS
QESVTEQDSKDSTYSLSSTLTLSKADYEKHKVYACEVTHQGLSSPVTKSFNRGEC
;
B
#
# COMPACT_ATOMS: atom_id res chain seq x y z
N SER B 3 -24.62 -5.95 -7.39
CA SER B 3 -25.05 -6.33 -6.04
C SER B 3 -24.82 -5.19 -5.02
N GLU B 4 -25.47 -5.29 -3.86
CA GLU B 4 -25.30 -4.30 -2.79
C GLU B 4 -24.37 -4.79 -1.69
N VAL B 5 -23.83 -5.99 -1.83
CA VAL B 5 -23.06 -6.62 -0.77
C VAL B 5 -21.87 -5.75 -0.42
N GLN B 6 -21.85 -5.23 0.79
CA GLN B 6 -20.81 -4.30 1.20
C GLN B 6 -20.48 -4.46 2.67
N LEU B 7 -19.21 -4.23 3.01
CA LEU B 7 -18.71 -4.28 4.38
C LEU B 7 -17.94 -3.02 4.71
N VAL B 8 -18.27 -2.43 5.85
CA VAL B 8 -17.86 -1.07 6.21
C VAL B 8 -17.20 -1.15 7.58
N GLU B 9 -15.89 -1.36 7.60
CA GLU B 9 -15.18 -1.28 8.86
C GLU B 9 -15.13 0.16 9.35
N SER B 10 -14.87 0.29 10.64
CA SER B 10 -14.82 1.59 11.31
C SER B 10 -14.43 1.36 12.76
N GLY B 11 -14.09 2.44 13.45
CA GLY B 11 -13.60 2.30 14.79
C GLY B 11 -12.11 2.07 14.91
N GLY B 12 -11.34 2.31 13.85
CA GLY B 12 -9.90 2.21 13.92
C GLY B 12 -9.24 3.52 14.31
N GLY B 13 -7.92 3.52 14.30
CA GLY B 13 -7.23 4.76 14.53
C GLY B 13 -5.93 4.54 15.26
N LEU B 14 -5.49 5.62 15.93
CA LEU B 14 -4.29 5.64 16.75
C LEU B 14 -4.70 5.31 18.18
N VAL B 15 -3.99 4.39 18.81
CA VAL B 15 -4.33 4.00 20.18
C VAL B 15 -3.04 3.82 20.99
N GLN B 16 -3.06 4.24 22.24
CA GLN B 16 -1.90 4.06 23.09
C GLN B 16 -1.72 2.57 23.37
N PRO B 17 -0.47 2.10 23.49
CA PRO B 17 -0.27 0.70 23.87
C PRO B 17 -0.91 0.44 25.22
N GLY B 18 -1.42 -0.78 25.37
CA GLY B 18 -2.18 -1.17 26.52
C GLY B 18 -3.63 -0.76 26.48
N GLY B 19 -4.03 -0.01 25.45
CA GLY B 19 -5.38 0.50 25.37
C GLY B 19 -6.32 -0.46 24.67
N SER B 20 -7.52 0.04 24.41
CA SER B 20 -8.61 -0.76 23.90
C SER B 20 -9.27 -0.04 22.72
N LEU B 21 -10.08 -0.79 21.98
CA LEU B 21 -10.73 -0.33 20.77
C LEU B 21 -11.79 -1.33 20.35
N ARG B 22 -12.91 -0.83 19.86
CA ARG B 22 -13.93 -1.72 19.34
C ARG B 22 -14.24 -1.44 17.89
N LEU B 23 -13.61 -2.22 17.00
CA LEU B 23 -13.88 -2.17 15.57
C LEU B 23 -15.32 -2.55 15.28
N SER B 24 -15.88 -1.97 14.24
CA SER B 24 -17.27 -2.21 13.85
C SER B 24 -17.31 -2.53 12.37
N CYS B 25 -18.28 -3.32 11.95
CA CYS B 25 -18.32 -3.67 10.53
C CYS B 25 -19.78 -3.74 10.08
N ALA B 26 -20.26 -2.73 9.39
CA ALA B 26 -21.64 -2.68 8.95
C ALA B 26 -21.81 -3.40 7.63
N ALA B 27 -22.89 -4.16 7.51
CA ALA B 27 -23.14 -5.00 6.35
C ALA B 27 -24.24 -4.39 5.52
N SER B 28 -24.09 -4.44 4.21
CA SER B 28 -25.11 -3.95 3.29
C SER B 28 -25.44 -5.03 2.29
N GLY B 29 -26.68 -5.01 1.80
CA GLY B 29 -27.03 -5.88 0.71
C GLY B 29 -27.04 -7.35 1.04
N PHE B 30 -26.86 -7.71 2.31
CA PHE B 30 -27.03 -9.07 2.78
C PHE B 30 -27.18 -9.03 4.28
N TYR B 31 -27.81 -10.06 4.84
CA TYR B 31 -27.87 -10.19 6.30
C TYR B 31 -26.75 -11.10 6.79
N ILE B 32 -26.10 -10.65 7.87
CA ILE B 32 -24.99 -11.42 8.43
C ILE B 32 -25.45 -12.55 9.33
N SER B 33 -26.76 -12.65 9.53
CA SER B 33 -27.31 -13.73 10.31
C SER B 33 -27.13 -15.08 9.61
N TYR B 34 -27.03 -15.10 8.29
CA TYR B 34 -26.92 -16.35 7.56
C TYR B 34 -25.49 -16.66 7.13
N SER B 35 -24.53 -15.87 7.56
CA SER B 35 -23.19 -16.03 7.04
C SER B 35 -22.21 -16.08 8.19
N SER B 36 -21.09 -16.72 7.91
CA SER B 36 -19.98 -16.73 8.82
C SER B 36 -19.22 -15.43 8.58
N ILE B 37 -18.81 -14.72 9.64
CA ILE B 37 -18.17 -13.42 9.51
C ILE B 37 -16.80 -13.46 10.18
N HIS B 38 -15.74 -13.03 9.44
CA HIS B 38 -14.37 -13.14 9.91
C HIS B 38 -13.66 -11.77 9.91
N TRP B 39 -12.85 -11.50 10.93
CA TRP B 39 -11.88 -10.39 10.88
C TRP B 39 -10.49 -10.91 10.47
N VAL B 40 -9.83 -10.16 9.60
CA VAL B 40 -8.52 -10.53 9.07
C VAL B 40 -7.65 -9.28 9.05
N ARG B 41 -6.41 -9.36 9.56
CA ARG B 41 -5.60 -8.17 9.70
C ARG B 41 -4.29 -8.32 8.96
N GLN B 42 -3.68 -7.17 8.64
CA GLN B 42 -2.47 -7.13 7.81
C GLN B 42 -1.55 -6.00 8.30
N ALA B 43 -0.50 -6.36 9.04
CA ALA B 43 0.46 -5.34 9.44
C ALA B 43 1.02 -4.76 8.16
N PRO B 44 1.55 -3.53 8.22
CA PRO B 44 1.96 -2.84 6.98
C PRO B 44 3.00 -3.65 6.23
N GLY B 45 2.76 -3.82 4.92
CA GLY B 45 3.69 -4.50 4.03
C GLY B 45 4.00 -5.92 4.44
N LYS B 46 3.29 -6.38 5.44
CA LYS B 46 3.26 -7.78 5.84
C LYS B 46 2.04 -8.46 5.19
N GLY B 47 1.73 -9.68 5.66
CA GLY B 47 0.66 -10.50 5.11
C GLY B 47 -0.69 -10.50 5.86
N LEU B 48 -1.59 -11.31 5.31
CA LEU B 48 -2.92 -11.54 5.87
C LEU B 48 -2.80 -12.50 7.06
N GLU B 49 -3.39 -12.11 8.18
CA GLU B 49 -3.38 -12.91 9.39
C GLU B 49 -4.83 -13.10 9.82
N TRP B 50 -5.26 -14.34 9.99
CA TRP B 50 -6.63 -14.58 10.40
C TRP B 50 -6.74 -14.18 11.88
N VAL B 51 -7.88 -13.62 12.29
CA VAL B 51 -7.94 -13.03 13.63
C VAL B 51 -9.03 -13.64 14.49
N ALA B 52 -10.27 -13.58 14.01
CA ALA B 52 -11.39 -14.19 14.69
C ALA B 52 -12.53 -14.38 13.70
N SER B 53 -13.59 -15.01 14.17
CA SER B 53 -14.69 -15.39 13.29
C SER B 53 -15.84 -15.86 14.17
N ILE B 54 -17.06 -15.68 13.71
CA ILE B 54 -18.19 -16.12 14.51
C ILE B 54 -19.19 -16.86 13.63
N SER B 55 -19.68 -17.98 14.16
CA SER B 55 -20.38 -18.89 13.29
C SER B 55 -21.86 -18.57 13.29
N PRO B 56 -22.48 -18.59 12.11
CA PRO B 56 -23.93 -18.32 12.03
C PRO B 56 -24.72 -19.35 12.81
N TYR B 57 -25.85 -18.90 13.34
CA TYR B 57 -26.82 -19.72 14.06
C TYR B 57 -26.34 -20.17 15.44
N SER B 58 -25.03 -20.24 15.69
CA SER B 58 -24.56 -20.69 16.98
C SER B 58 -23.86 -19.61 17.77
N GLY B 59 -23.37 -18.56 17.12
CA GLY B 59 -22.54 -17.58 17.77
C GLY B 59 -21.25 -18.15 18.27
N SER B 60 -20.83 -19.29 17.74
CA SER B 60 -19.63 -19.91 18.24
C SER B 60 -18.48 -19.09 17.73
N THR B 61 -17.56 -18.72 18.61
CA THR B 61 -16.49 -17.81 18.22
C THR B 61 -15.17 -18.55 18.24
N TYR B 62 -14.32 -18.22 17.28
CA TYR B 62 -13.00 -18.83 17.18
C TYR B 62 -12.00 -17.70 17.02
N TYR B 63 -10.82 -17.85 17.63
CA TYR B 63 -9.82 -16.80 17.64
C TYR B 63 -8.43 -17.33 17.28
N ALA B 64 -7.73 -16.56 16.48
CA ALA B 64 -6.30 -16.75 16.32
C ALA B 64 -5.63 -16.72 17.67
N ASP B 65 -4.52 -17.44 17.77
CA ASP B 65 -3.94 -17.68 19.08
C ASP B 65 -3.15 -16.48 19.58
N SER B 66 -2.66 -15.64 18.67
CA SER B 66 -1.93 -14.43 19.07
C SER B 66 -2.82 -13.38 19.71
N VAL B 67 -4.13 -13.53 19.66
CA VAL B 67 -5.03 -12.59 20.32
C VAL B 67 -5.86 -13.22 21.42
N LYS B 68 -5.93 -14.56 21.50
CA LYS B 68 -6.90 -15.27 22.33
C LYS B 68 -6.92 -14.71 23.75
N GLY B 69 -8.10 -14.22 24.16
CA GLY B 69 -8.29 -13.63 25.46
C GLY B 69 -7.97 -12.15 25.56
N ARG B 70 -7.53 -11.50 24.48
CA ARG B 70 -7.51 -10.05 24.40
C ARG B 70 -8.51 -9.47 23.41
N PHE B 71 -8.89 -10.23 22.37
CA PHE B 71 -9.91 -9.83 21.41
C PHE B 71 -11.22 -10.59 21.65
N THR B 72 -12.31 -10.10 21.03
CA THR B 72 -13.63 -10.65 21.28
C THR B 72 -14.54 -10.35 20.09
N ILE B 73 -14.66 -11.28 19.17
CA ILE B 73 -15.61 -11.12 18.08
C ILE B 73 -17.02 -11.39 18.60
N SER B 74 -18.01 -10.86 17.88
CA SER B 74 -19.41 -10.77 18.34
C SER B 74 -20.29 -10.17 17.25
N ALA B 75 -21.61 -10.22 17.47
CA ALA B 75 -22.51 -9.75 16.42
C ALA B 75 -23.86 -9.36 16.99
N ASP B 76 -24.37 -8.19 16.59
CA ASP B 76 -25.77 -7.83 16.77
C ASP B 76 -26.49 -8.05 15.45
N THR B 77 -27.29 -9.12 15.39
CA THR B 77 -28.16 -9.39 14.27
C THR B 77 -28.94 -8.14 13.87
N SER B 78 -29.67 -7.59 14.84
CA SER B 78 -30.58 -6.48 14.54
C SER B 78 -29.86 -5.34 13.87
N LYS B 79 -28.72 -4.93 14.41
CA LYS B 79 -27.95 -3.86 13.79
C LYS B 79 -27.23 -4.29 12.52
N ASN B 80 -27.37 -5.56 12.11
CA ASN B 80 -26.65 -6.13 10.97
C ASN B 80 -25.19 -5.70 11.02
N THR B 81 -24.62 -5.69 12.22
CA THR B 81 -23.27 -5.21 12.47
C THR B 81 -22.49 -6.26 13.26
N ALA B 82 -21.22 -6.44 12.86
CA ALA B 82 -20.27 -7.30 13.57
C ALA B 82 -19.19 -6.46 14.23
N TYR B 83 -18.79 -6.86 15.44
CA TYR B 83 -17.89 -6.09 16.27
C TYR B 83 -16.64 -6.89 16.61
N LEU B 84 -15.60 -6.18 17.06
CA LEU B 84 -14.38 -6.81 17.57
C LEU B 84 -13.75 -5.95 18.67
N GLN B 85 -13.91 -6.35 19.92
CA GLN B 85 -13.30 -5.61 21.03
C GLN B 85 -11.89 -6.09 21.25
N MET B 86 -10.95 -5.17 21.10
CA MET B 86 -9.52 -5.38 21.31
C MET B 86 -9.13 -4.74 22.64
N ASN B 87 -8.49 -5.50 23.51
CA ASN B 87 -7.96 -4.99 24.78
C ASN B 87 -6.47 -5.21 24.82
N SER B 88 -5.84 -4.61 25.83
CA SER B 88 -4.41 -4.77 26.12
C SER B 88 -3.63 -4.91 24.80
N LEU B 89 -3.75 -3.87 23.99
CA LEU B 89 -3.12 -3.83 22.69
C LEU B 89 -1.61 -3.59 22.83
N ARG B 90 -0.87 -4.02 21.82
CA ARG B 90 0.57 -3.83 21.74
C ARG B 90 0.92 -3.37 20.35
N ALA B 91 2.20 -3.07 20.16
CA ALA B 91 2.65 -2.46 18.91
C ALA B 91 2.30 -3.33 17.71
N GLU B 92 2.67 -4.60 17.79
CA GLU B 92 2.46 -5.58 16.74
C GLU B 92 0.99 -5.81 16.41
N ASP B 93 0.08 -5.29 17.24
CA ASP B 93 -1.30 -5.22 16.80
C ASP B 93 -1.53 -4.20 15.69
N THR B 94 -0.52 -3.43 15.31
CA THR B 94 -0.76 -2.45 14.27
C THR B 94 -1.00 -3.15 12.95
N ALA B 95 -2.08 -2.77 12.28
CA ALA B 95 -2.48 -3.39 11.01
C ALA B 95 -3.68 -2.64 10.44
N VAL B 96 -3.94 -2.87 9.15
CA VAL B 96 -5.28 -2.71 8.60
C VAL B 96 -6.09 -3.93 8.99
N TYR B 97 -7.27 -3.68 9.58
CA TYR B 97 -8.16 -4.72 10.07
C TYR B 97 -9.35 -4.81 9.13
N TYR B 98 -9.38 -5.88 8.35
CA TYR B 98 -10.41 -6.16 7.34
C TYR B 98 -11.52 -7.08 7.86
N CYS B 99 -12.68 -6.94 7.22
CA CYS B 99 -13.91 -7.64 7.55
C CYS B 99 -14.31 -8.45 6.33
N ALA B 100 -14.64 -9.72 6.53
CA ALA B 100 -14.97 -10.53 5.36
C ALA B 100 -16.13 -11.48 5.59
N ARG B 101 -16.95 -11.64 4.56
CA ARG B 101 -18.09 -12.54 4.59
C ARG B 101 -17.63 -13.86 4.02
N GLN B 102 -17.78 -14.92 4.80
CA GLN B 102 -17.61 -16.23 4.23
C GLN B 102 -18.82 -16.53 3.35
N GLY B 103 -18.56 -16.90 2.09
CA GLY B 103 -19.61 -17.06 1.12
C GLY B 103 -20.65 -18.10 1.47
N TYR B 104 -21.67 -18.20 0.64
CA TYR B 104 -22.63 -19.27 0.83
C TYR B 104 -22.05 -20.57 0.26
N ARG B 105 -22.12 -21.64 1.07
CA ARG B 105 -21.43 -22.88 0.74
C ARG B 105 -21.73 -23.38 -0.67
N ARG B 106 -22.99 -23.33 -1.08
CA ARG B 106 -23.39 -23.83 -2.40
C ARG B 106 -22.77 -23.03 -3.53
N ARG B 107 -22.19 -21.87 -3.24
CA ARG B 107 -21.66 -20.98 -4.25
C ARG B 107 -20.15 -20.84 -4.22
N SER B 108 -19.57 -20.70 -3.04
CA SER B 108 -18.17 -20.27 -2.96
C SER B 108 -17.41 -21.03 -1.86
N GLY B 109 -17.85 -22.23 -1.52
CA GLY B 109 -17.24 -23.01 -0.46
C GLY B 109 -17.03 -22.18 0.80
N ARG B 110 -15.96 -22.51 1.52
CA ARG B 110 -15.53 -21.68 2.64
C ARG B 110 -14.64 -20.49 2.19
N GLY B 111 -14.75 -20.08 0.92
CA GLY B 111 -14.07 -18.89 0.50
C GLY B 111 -14.65 -17.67 1.18
N PHE B 112 -13.81 -16.66 1.35
CA PHE B 112 -14.26 -15.35 1.83
C PHE B 112 -14.57 -14.53 0.58
N ASP B 113 -15.85 -14.25 0.33
CA ASP B 113 -16.21 -13.73 -0.98
C ASP B 113 -16.36 -12.22 -1.04
N TYR B 114 -16.53 -11.55 0.10
CA TYR B 114 -16.68 -10.09 0.15
C TYR B 114 -15.86 -9.56 1.30
N TRP B 115 -14.97 -8.62 0.98
CA TRP B 115 -14.12 -7.98 1.97
C TRP B 115 -14.52 -6.50 2.05
N GLY B 116 -14.28 -5.89 3.20
CA GLY B 116 -14.38 -4.46 3.34
C GLY B 116 -13.19 -3.77 2.72
N GLN B 117 -13.01 -2.51 3.06
CA GLN B 117 -11.77 -1.85 2.67
C GLN B 117 -10.79 -1.81 3.83
N GLY B 118 -11.17 -2.31 4.98
CA GLY B 118 -10.30 -2.36 6.14
C GLY B 118 -10.09 -1.04 6.85
N THR B 119 -10.07 -1.08 8.18
CA THR B 119 -9.76 0.08 8.99
C THR B 119 -8.35 -0.05 9.52
N LEU B 120 -7.70 1.08 9.78
CA LEU B 120 -6.29 1.06 10.16
C LEU B 120 -6.10 1.31 11.66
N VAL B 121 -5.39 0.39 12.32
CA VAL B 121 -5.20 0.41 13.76
C VAL B 121 -3.72 0.59 14.07
N THR B 122 -3.39 1.63 14.84
CA THR B 122 -2.04 2.18 14.92
C THR B 122 -1.67 2.27 16.40
N VAL B 123 -1.13 1.18 16.95
CA VAL B 123 -0.85 1.14 18.40
C VAL B 123 0.51 1.79 18.63
N SER B 124 0.53 3.01 19.17
CA SER B 124 1.80 3.62 19.53
C SER B 124 1.54 4.78 20.47
N SER B 125 2.51 5.03 21.33
CA SER B 125 2.30 6.06 22.33
C SER B 125 2.59 7.45 21.79
N ALA B 126 3.32 7.54 20.68
CA ALA B 126 3.58 8.84 20.06
C ALA B 126 2.29 9.53 19.66
N SER B 127 2.24 10.84 19.91
CA SER B 127 1.04 11.62 19.69
C SER B 127 0.88 11.97 18.20
N THR B 128 -0.31 12.48 17.84
CA THR B 128 -0.58 12.88 16.44
C THR B 128 0.09 14.20 16.10
N LYS B 129 0.36 14.39 14.80
CA LYS B 129 0.88 15.67 14.29
C LYS B 129 0.67 15.75 12.79
N GLY B 130 -0.08 16.74 12.33
CA GLY B 130 -0.39 16.89 10.92
C GLY B 130 0.77 17.46 10.12
N PRO B 131 0.64 17.38 8.79
CA PRO B 131 1.79 17.66 7.94
C PRO B 131 1.96 19.13 7.72
N SER B 132 3.21 19.53 7.56
CA SER B 132 3.48 20.73 6.76
C SER B 132 3.55 20.32 5.29
N VAL B 133 3.00 21.16 4.42
CA VAL B 133 2.86 20.85 3.00
C VAL B 133 3.60 21.88 2.19
N PHE B 134 4.66 21.46 1.55
CA PHE B 134 5.44 22.38 0.78
C PHE B 134 5.33 22.10 -0.71
N PRO B 135 5.45 23.13 -1.54
CA PRO B 135 5.28 22.96 -2.98
C PRO B 135 6.59 22.65 -3.67
N LEU B 136 6.50 21.80 -4.70
CA LEU B 136 7.63 21.41 -5.53
C LEU B 136 7.55 22.12 -6.87
N ALA B 137 8.27 23.23 -6.99
CA ALA B 137 8.14 24.09 -8.16
C ALA B 137 8.79 23.44 -9.38
N PRO B 138 8.17 23.52 -10.56
CA PRO B 138 8.78 22.96 -11.77
C PRO B 138 9.95 23.78 -12.32
N SER B 139 10.41 23.43 -13.52
CA SER B 139 11.36 24.27 -14.23
C SER B 139 11.21 24.10 -15.74
N GLY B 146 8.82 18.05 -24.15
CA GLY B 146 8.00 19.24 -23.96
C GLY B 146 7.24 19.25 -22.65
N THR B 147 7.71 18.45 -21.69
CA THR B 147 7.04 18.32 -20.40
C THR B 147 8.02 18.51 -19.26
N ALA B 148 7.51 19.01 -18.13
CA ALA B 148 8.24 19.05 -16.87
C ALA B 148 7.27 18.73 -15.74
N ALA B 149 7.80 18.60 -14.53
CA ALA B 149 7.06 17.99 -13.43
C ALA B 149 7.04 18.89 -12.19
N LEU B 150 5.94 18.79 -11.43
CA LEU B 150 5.71 19.60 -10.25
C LEU B 150 4.88 18.78 -9.27
N GLY B 151 4.96 19.14 -7.99
CA GLY B 151 4.26 18.37 -6.99
C GLY B 151 4.23 19.05 -5.64
N CYS B 152 3.86 18.28 -4.63
CA CYS B 152 3.77 18.78 -3.27
C CYS B 152 4.65 17.90 -2.38
N LEU B 153 5.07 18.45 -1.25
CA LEU B 153 5.89 17.71 -0.31
C LEU B 153 5.12 17.66 1.01
N VAL B 154 4.66 16.49 1.41
CA VAL B 154 3.80 16.34 2.58
C VAL B 154 4.70 15.89 3.72
N LYS B 155 5.11 16.82 4.58
CA LYS B 155 6.26 16.59 5.42
C LYS B 155 5.88 16.50 6.89
N ASP B 156 6.50 15.51 7.55
CA ASP B 156 6.53 15.32 8.99
C ASP B 156 5.12 15.33 9.62
N TYR B 157 4.34 14.32 9.24
CA TYR B 157 3.06 14.07 9.88
C TYR B 157 3.07 12.72 10.59
N PHE B 158 2.01 12.48 11.35
CA PHE B 158 1.75 11.22 12.03
C PHE B 158 0.37 11.21 12.68
N PRO B 159 -0.35 10.08 12.60
CA PRO B 159 0.00 8.84 11.92
C PRO B 159 -0.49 8.84 10.50
N GLU B 160 -0.13 7.76 9.79
CA GLU B 160 -0.78 7.44 8.55
C GLU B 160 -2.27 7.38 8.77
N PRO B 161 -3.06 7.59 7.73
CA PRO B 161 -2.66 7.99 6.38
C PRO B 161 -2.95 9.46 6.01
N VAL B 162 -2.28 9.97 4.97
CA VAL B 162 -2.64 11.23 4.33
C VAL B 162 -3.14 10.92 2.94
N THR B 163 -3.77 11.92 2.32
CA THR B 163 -4.34 11.77 0.99
C THR B 163 -4.10 13.04 0.17
N VAL B 164 -3.65 12.85 -1.07
CA VAL B 164 -3.39 13.95 -2.01
C VAL B 164 -4.32 13.81 -3.20
N SER B 165 -5.01 14.89 -3.52
CA SER B 165 -5.65 15.00 -4.81
C SER B 165 -5.25 16.34 -5.38
N TRP B 166 -5.14 16.38 -6.71
CA TRP B 166 -4.76 17.61 -7.39
C TRP B 166 -6.01 18.24 -7.96
N ASN B 167 -6.22 19.50 -7.64
CA ASN B 167 -7.31 20.26 -8.24
C ASN B 167 -8.64 19.60 -7.89
N SER B 168 -8.77 19.20 -6.63
CA SER B 168 -9.98 18.55 -6.09
C SER B 168 -10.26 17.24 -6.82
N GLY B 169 -9.20 16.53 -7.19
CA GLY B 169 -9.34 15.31 -7.95
C GLY B 169 -9.52 15.48 -9.44
N ALA B 170 -9.70 16.71 -9.93
CA ALA B 170 -9.93 16.87 -11.37
C ALA B 170 -8.74 16.38 -12.20
N LEU B 171 -7.52 16.59 -11.69
CA LEU B 171 -6.29 16.12 -12.34
C LEU B 171 -5.93 14.74 -11.78
N THR B 172 -6.30 13.69 -12.52
CA THR B 172 -6.01 12.32 -12.11
C THR B 172 -4.86 11.67 -12.87
N SER B 173 -4.59 12.11 -14.10
CA SER B 173 -3.67 11.42 -14.99
C SER B 173 -2.24 11.95 -14.83
N GLY B 174 -1.27 11.05 -14.95
CA GLY B 174 0.14 11.42 -14.84
C GLY B 174 0.67 11.52 -13.43
N VAL B 175 -0.20 11.37 -12.43
CA VAL B 175 0.16 11.64 -11.04
C VAL B 175 0.84 10.40 -10.45
N HIS B 176 1.92 10.60 -9.72
CA HIS B 176 2.51 9.60 -8.83
C HIS B 176 2.57 10.18 -7.43
N THR B 177 1.86 9.58 -6.48
CA THR B 177 2.06 9.90 -5.07
C THR B 177 2.83 8.76 -4.42
N PHE B 178 3.92 9.08 -3.84
CA PHE B 178 4.82 8.08 -3.32
C PHE B 178 4.38 7.61 -1.93
N PRO B 179 4.71 6.39 -1.57
CA PRO B 179 4.45 5.92 -0.21
C PRO B 179 5.25 6.70 0.82
N ALA B 180 4.57 7.06 1.92
CA ALA B 180 5.28 7.66 3.03
C ALA B 180 6.45 6.79 3.38
N VAL B 181 7.58 7.43 3.69
CA VAL B 181 8.69 6.75 4.34
C VAL B 181 8.74 7.30 5.76
N LEU B 182 9.50 6.63 6.61
CA LEU B 182 9.50 6.96 8.03
C LEU B 182 10.72 7.84 8.35
N GLN B 183 10.48 9.12 8.57
CA GLN B 183 11.53 10.00 9.10
C GLN B 183 12.01 9.54 10.46
N SER B 184 13.32 9.60 10.65
CA SER B 184 13.92 9.22 11.91
C SER B 184 13.39 10.02 13.08
N SER B 185 12.62 11.09 12.83
CA SER B 185 11.81 11.65 13.90
C SER B 185 10.75 10.67 14.36
N GLY B 186 10.48 9.65 13.56
CA GLY B 186 9.30 8.86 13.71
C GLY B 186 8.13 9.33 12.89
N LEU B 187 8.19 10.52 12.31
CA LEU B 187 7.08 11.05 11.54
C LEU B 187 7.13 10.55 10.11
N TYR B 188 6.02 10.68 9.43
CA TYR B 188 5.93 10.30 8.03
C TYR B 188 6.07 11.53 7.16
N SER B 189 6.81 11.37 6.09
CA SER B 189 6.93 12.37 5.07
C SER B 189 6.71 11.66 3.75
N LEU B 190 6.07 12.34 2.83
CA LEU B 190 5.91 11.81 1.49
C LEU B 190 5.66 12.99 0.57
N SER B 191 5.75 12.70 -0.72
CA SER B 191 5.63 13.72 -1.75
C SER B 191 4.77 13.18 -2.87
N SER B 192 4.10 14.09 -3.57
CA SER B 192 3.21 13.73 -4.66
C SER B 192 3.64 14.54 -5.86
N VAL B 193 3.59 13.94 -7.03
CA VAL B 193 4.03 14.62 -8.23
C VAL B 193 3.15 14.25 -9.41
N VAL B 194 2.90 15.24 -10.27
CA VAL B 194 2.29 15.04 -11.57
C VAL B 194 3.18 15.72 -12.61
N THR B 195 3.25 15.13 -13.80
CA THR B 195 3.90 15.76 -14.93
C THR B 195 2.85 16.40 -15.80
N VAL B 196 3.17 17.59 -16.34
CA VAL B 196 2.29 18.27 -17.28
C VAL B 196 3.10 18.85 -18.43
N PRO B 197 2.50 19.06 -19.59
CA PRO B 197 3.16 19.79 -20.68
C PRO B 197 3.46 21.25 -20.29
N SER B 198 4.65 21.71 -20.66
CA SER B 198 5.19 22.95 -20.13
C SER B 198 4.37 24.19 -20.53
N SER B 199 3.61 24.11 -21.63
CA SER B 199 2.75 25.21 -22.04
C SER B 199 1.78 25.69 -20.96
N SER B 200 1.10 24.75 -20.30
CA SER B 200 0.03 25.03 -19.35
C SER B 200 0.49 25.80 -18.11
N LEU B 201 1.79 25.77 -17.80
CA LEU B 201 2.39 26.42 -16.64
C LEU B 201 1.78 27.80 -16.34
N GLY B 202 1.84 28.72 -17.31
CA GLY B 202 1.36 30.07 -17.06
C GLY B 202 -0.13 30.14 -16.81
N THR B 203 -0.92 29.40 -17.61
CA THR B 203 -2.37 29.55 -17.64
C THR B 203 -3.13 28.56 -16.75
N GLN B 204 -2.46 27.56 -16.19
CA GLN B 204 -3.14 26.49 -15.47
C GLN B 204 -2.82 26.52 -13.98
N THR B 205 -3.87 26.72 -13.18
CA THR B 205 -3.76 26.65 -11.73
C THR B 205 -3.63 25.19 -11.30
N TYR B 206 -2.68 24.91 -10.40
CA TYR B 206 -2.31 23.55 -9.98
C TYR B 206 -2.26 23.49 -8.46
N ILE B 207 -3.34 23.01 -7.84
CA ILE B 207 -3.43 22.93 -6.39
C ILE B 207 -3.45 21.45 -6.00
N CYS B 208 -2.64 21.09 -5.01
CA CYS B 208 -2.76 19.78 -4.40
C CYS B 208 -3.57 19.92 -3.12
N ASN B 209 -4.49 18.98 -2.90
CA ASN B 209 -5.36 18.95 -1.73
C ASN B 209 -4.88 17.83 -0.81
N VAL B 210 -4.43 18.19 0.38
CA VAL B 210 -3.86 17.25 1.35
C VAL B 210 -4.80 17.16 2.55
N ASN B 211 -5.21 15.93 2.87
CA ASN B 211 -6.06 15.65 4.02
C ASN B 211 -5.39 14.62 4.92
N HIS B 212 -5.31 14.94 6.21
CA HIS B 212 -4.76 14.08 7.24
C HIS B 212 -5.83 14.02 8.32
N LYS B 213 -6.74 13.06 8.20
CA LYS B 213 -7.86 12.96 9.13
C LYS B 213 -7.45 12.75 10.59
N PRO B 214 -6.41 11.95 10.92
CA PRO B 214 -6.10 11.71 12.34
C PRO B 214 -5.93 12.99 13.13
N SER B 215 -5.32 13.97 12.50
CA SER B 215 -5.09 15.29 13.04
C SER B 215 -6.19 16.28 12.71
N ASN B 216 -7.17 15.89 11.89
CA ASN B 216 -8.19 16.80 11.35
C ASN B 216 -7.54 17.96 10.59
N THR B 217 -6.52 17.64 9.79
CA THR B 217 -5.76 18.63 9.02
C THR B 217 -6.12 18.53 7.55
N LYS B 218 -6.57 19.64 6.98
CA LYS B 218 -6.80 19.77 5.54
C LYS B 218 -6.02 20.97 5.01
N VAL B 219 -5.15 20.71 4.04
CA VAL B 219 -4.33 21.75 3.43
C VAL B 219 -4.54 21.72 1.94
N ASP B 220 -4.56 22.90 1.34
CA ASP B 220 -4.55 23.05 -0.12
C ASP B 220 -3.41 23.97 -0.46
N LYS B 221 -2.43 23.46 -1.21
CA LYS B 221 -1.23 24.23 -1.53
C LYS B 221 -1.18 24.43 -3.04
N LYS B 222 -1.37 25.67 -3.48
CA LYS B 222 -1.28 25.98 -4.89
C LYS B 222 0.18 25.87 -5.29
N VAL B 223 0.45 25.10 -6.33
CA VAL B 223 1.80 24.90 -6.83
C VAL B 223 1.94 25.73 -8.09
N GLU B 224 2.77 26.76 -7.99
CA GLU B 224 3.07 27.68 -9.06
C GLU B 224 4.54 27.58 -9.46
N PRO B 225 4.91 28.12 -10.63
CA PRO B 225 6.29 27.97 -11.11
C PRO B 225 7.31 28.72 -10.27
N LYS B 226 8.55 28.75 -10.73
CA LYS B 226 9.56 29.62 -10.12
C LYS B 226 9.11 31.07 -10.18
N SER B 227 9.14 31.75 -9.03
CA SER B 227 8.60 33.11 -8.95
C SER B 227 9.38 34.08 -9.85
N CYS B 228 10.70 33.94 -9.90
CA CYS B 228 11.50 34.68 -10.86
C CYS B 228 11.75 33.86 -12.13
N SER C 1 -2.59 -28.21 17.70
CA SER C 1 -1.51 -27.70 16.86
C SER C 1 -2.09 -27.01 15.62
N ASP C 2 -1.38 -25.99 15.13
CA ASP C 2 -1.86 -25.23 13.98
C ASP C 2 -1.38 -25.82 12.67
N ILE C 3 -2.24 -25.77 11.67
CA ILE C 3 -1.86 -26.14 10.30
C ILE C 3 -1.06 -25.01 9.67
N GLN C 4 0.13 -25.34 9.17
CA GLN C 4 0.99 -24.35 8.55
C GLN C 4 0.71 -24.30 7.06
N MET C 5 0.54 -23.11 6.53
CA MET C 5 0.45 -22.95 5.09
C MET C 5 1.76 -22.34 4.64
N THR C 6 2.49 -23.10 3.86
CA THR C 6 3.89 -22.82 3.57
C THR C 6 3.89 -22.59 2.07
N GLN C 7 3.90 -21.32 1.67
CA GLN C 7 3.77 -20.95 0.28
C GLN C 7 5.15 -20.62 -0.30
N SER C 8 5.33 -20.87 -1.60
CA SER C 8 6.54 -20.44 -2.30
C SER C 8 6.18 -20.19 -3.75
N PRO C 9 6.93 -19.34 -4.45
CA PRO C 9 8.13 -18.61 -4.04
C PRO C 9 7.69 -17.41 -3.25
N SER C 10 8.60 -16.71 -2.57
CA SER C 10 8.18 -15.44 -1.99
C SER C 10 7.80 -14.45 -3.06
N SER C 11 8.34 -14.58 -4.28
CA SER C 11 8.18 -13.55 -5.30
C SER C 11 8.49 -14.12 -6.69
N LEU C 12 7.93 -13.48 -7.72
CA LEU C 12 7.90 -14.03 -9.07
C LEU C 12 7.90 -12.89 -10.07
N SER C 13 8.98 -12.73 -10.83
CA SER C 13 8.99 -11.84 -11.99
C SER C 13 8.72 -12.69 -13.22
N ALA C 14 7.81 -12.25 -14.07
CA ALA C 14 7.64 -13.01 -15.30
C ALA C 14 7.02 -12.13 -16.35
N SER C 15 7.13 -12.60 -17.59
CA SER C 15 6.76 -11.90 -18.81
C SER C 15 5.25 -11.98 -19.01
N VAL C 16 4.69 -10.95 -19.67
CA VAL C 16 3.30 -11.07 -20.06
C VAL C 16 3.15 -12.30 -20.94
N GLY C 17 2.08 -13.04 -20.73
CA GLY C 17 1.92 -14.24 -21.53
C GLY C 17 2.72 -15.43 -21.05
N ASP C 18 3.37 -15.34 -19.90
CA ASP C 18 4.00 -16.50 -19.30
C ASP C 18 3.00 -17.31 -18.48
N ARG C 19 3.39 -18.54 -18.20
CA ARG C 19 2.75 -19.36 -17.18
C ARG C 19 3.44 -19.13 -15.84
N VAL C 20 2.66 -18.84 -14.80
CA VAL C 20 3.18 -18.69 -13.44
C VAL C 20 2.45 -19.66 -12.52
N THR C 21 3.23 -20.36 -11.69
CA THR C 21 2.72 -21.40 -10.80
C THR C 21 3.11 -21.05 -9.38
N ILE C 22 2.13 -20.92 -8.49
CA ILE C 22 2.38 -20.67 -7.08
C ILE C 22 1.90 -21.88 -6.31
N THR C 23 2.73 -22.37 -5.40
CA THR C 23 2.44 -23.58 -4.66
C THR C 23 2.39 -23.30 -3.18
N CYS C 24 1.43 -23.93 -2.51
CA CYS C 24 1.25 -23.84 -1.07
C CYS C 24 1.16 -25.26 -0.54
N ARG C 25 1.78 -25.53 0.60
CA ARG C 25 1.84 -26.89 1.15
C ARG C 25 1.46 -26.92 2.62
N ALA C 26 0.29 -27.53 2.89
CA ALA C 26 -0.36 -27.55 4.18
C ALA C 26 0.32 -28.55 5.10
N SER C 27 0.64 -28.14 6.33
CA SER C 27 1.44 -29.03 7.17
C SER C 27 0.69 -30.30 7.53
N GLN C 28 -0.64 -30.25 7.49
CA GLN C 28 -1.53 -31.37 7.71
C GLN C 28 -2.48 -31.46 6.52
N SER C 29 -3.29 -32.50 6.47
CA SER C 29 -4.31 -32.52 5.45
C SER C 29 -5.32 -31.43 5.74
N VAL C 30 -5.79 -30.77 4.69
CA VAL C 30 -6.80 -29.74 4.88
C VAL C 30 -7.90 -30.03 3.89
N SER C 31 -8.06 -31.31 3.60
CA SER C 31 -8.93 -31.78 2.54
C SER C 31 -8.77 -30.84 1.36
N SER C 32 -9.88 -30.40 0.79
CA SER C 32 -9.82 -29.43 -0.28
C SER C 32 -10.27 -28.06 0.18
N ALA C 33 -10.14 -27.78 1.49
CA ALA C 33 -10.55 -26.48 2.03
C ALA C 33 -9.52 -25.37 1.81
N VAL C 34 -9.09 -25.17 0.57
CA VAL C 34 -8.03 -24.22 0.25
C VAL C 34 -8.61 -23.19 -0.71
N ALA C 35 -8.35 -21.91 -0.42
CA ALA C 35 -8.88 -20.81 -1.21
C ALA C 35 -7.73 -19.90 -1.59
N TRP C 36 -7.76 -19.42 -2.84
CA TRP C 36 -6.73 -18.52 -3.35
C TRP C 36 -7.26 -17.11 -3.53
N TYR C 37 -6.50 -16.11 -3.05
CA TYR C 37 -6.87 -14.71 -3.18
C TYR C 37 -5.81 -13.83 -3.87
N GLN C 38 -6.29 -12.99 -4.78
CA GLN C 38 -5.52 -11.91 -5.39
C GLN C 38 -5.71 -10.61 -4.63
N GLN C 39 -4.61 -9.97 -4.22
CA GLN C 39 -4.64 -8.70 -3.49
C GLN C 39 -3.73 -7.67 -4.16
N LYS C 40 -4.33 -6.65 -4.76
CA LYS C 40 -3.54 -5.57 -5.33
C LYS C 40 -3.21 -4.53 -4.26
N PRO C 41 -2.14 -3.75 -4.44
CA PRO C 41 -1.69 -2.85 -3.38
C PRO C 41 -2.79 -1.88 -2.96
N GLY C 42 -3.07 -1.86 -1.66
CA GLY C 42 -4.06 -0.96 -1.13
C GLY C 42 -5.50 -1.42 -1.26
N LYS C 43 -5.77 -2.47 -2.01
CA LYS C 43 -7.15 -2.92 -2.08
C LYS C 43 -7.36 -4.05 -1.11
N ALA C 44 -8.63 -4.42 -0.97
CA ALA C 44 -8.95 -5.63 -0.28
C ALA C 44 -8.50 -6.81 -1.11
N PRO C 45 -8.35 -7.97 -0.48
CA PRO C 45 -8.24 -9.22 -1.25
C PRO C 45 -9.54 -9.55 -1.98
N LYS C 46 -9.39 -10.27 -3.08
CA LYS C 46 -10.49 -10.71 -3.90
C LYS C 46 -10.40 -12.23 -4.06
N LEU C 47 -11.53 -12.92 -4.06
CA LEU C 47 -11.50 -14.38 -4.08
C LEU C 47 -11.21 -14.89 -5.49
N LEU C 48 -10.39 -15.95 -5.60
CA LEU C 48 -10.06 -16.52 -6.90
C LEU C 48 -10.48 -17.98 -7.05
N ILE C 49 -9.98 -18.86 -6.18
CA ILE C 49 -10.31 -20.27 -6.20
C ILE C 49 -10.78 -20.63 -4.81
N TYR C 50 -11.97 -21.19 -4.70
CA TYR C 50 -12.46 -21.73 -3.45
C TYR C 50 -12.48 -23.24 -3.58
N SER C 51 -12.23 -23.91 -2.46
CA SER C 51 -12.31 -25.35 -2.42
C SER C 51 -11.28 -25.97 -3.37
N ALA C 52 -10.22 -25.21 -3.60
CA ALA C 52 -8.94 -25.61 -4.15
C ALA C 52 -8.91 -25.90 -5.66
N SER C 53 -10.06 -26.08 -6.31
CA SER C 53 -10.07 -26.05 -7.76
C SER C 53 -11.27 -25.34 -8.34
N SER C 54 -12.14 -24.78 -7.51
CA SER C 54 -13.40 -24.26 -8.01
C SER C 54 -13.21 -22.78 -8.32
N LEU C 55 -13.33 -22.46 -9.61
CA LEU C 55 -13.11 -21.09 -10.04
C LEU C 55 -14.24 -20.22 -9.54
N TYR C 56 -13.89 -19.16 -8.82
CA TYR C 56 -14.93 -18.34 -8.21
C TYR C 56 -15.73 -17.60 -9.29
N SER C 57 -16.95 -17.23 -8.91
CA SER C 57 -17.83 -16.50 -9.80
C SER C 57 -17.13 -15.27 -10.34
N GLY C 58 -16.97 -15.22 -11.65
CA GLY C 58 -16.47 -14.05 -12.33
C GLY C 58 -14.96 -13.92 -12.43
N VAL C 59 -14.20 -14.93 -12.04
CA VAL C 59 -12.75 -14.88 -12.10
C VAL C 59 -12.35 -15.41 -13.48
N PRO C 60 -11.31 -14.85 -14.13
CA PRO C 60 -11.04 -15.20 -15.54
C PRO C 60 -10.48 -16.61 -15.67
N SER C 61 -10.89 -17.29 -16.74
CA SER C 61 -10.55 -18.70 -16.91
C SER C 61 -9.04 -18.97 -16.87
N ARG C 62 -8.20 -17.93 -16.90
CA ARG C 62 -6.76 -18.19 -16.88
C ARG C 62 -6.25 -18.56 -15.50
N PHE C 63 -7.07 -18.50 -14.46
CA PHE C 63 -6.74 -18.94 -13.13
C PHE C 63 -7.30 -20.33 -12.87
N SER C 64 -6.65 -21.10 -12.01
CA SER C 64 -7.14 -22.44 -11.68
C SER C 64 -6.42 -22.94 -10.45
N GLY C 65 -7.15 -23.65 -9.60
CA GLY C 65 -6.57 -24.33 -8.47
C GLY C 65 -6.34 -25.79 -8.73
N SER C 66 -5.55 -26.42 -7.86
CA SER C 66 -5.12 -27.79 -8.11
C SER C 66 -4.69 -28.41 -6.80
N ARG C 67 -5.35 -29.46 -6.39
CA ARG C 67 -4.93 -30.14 -5.19
C ARG C 67 -4.17 -31.41 -5.59
N SER C 68 -3.10 -31.67 -4.87
CA SER C 68 -2.39 -32.94 -4.97
C SER C 68 -1.91 -33.29 -3.57
N GLY C 69 -2.75 -34.03 -2.85
CA GLY C 69 -2.47 -34.37 -1.47
C GLY C 69 -2.52 -33.15 -0.60
N THR C 70 -1.43 -32.89 0.14
CA THR C 70 -1.30 -31.66 0.91
C THR C 70 -0.60 -30.55 0.13
N ASP C 71 -0.70 -30.56 -1.20
CA ASP C 71 -0.03 -29.58 -2.05
C ASP C 71 -1.04 -28.91 -2.97
N PHE C 72 -1.18 -27.58 -2.82
CA PHE C 72 -2.13 -26.77 -3.57
C PHE C 72 -1.37 -25.77 -4.43
N THR C 73 -1.84 -25.56 -5.66
CA THR C 73 -1.10 -24.78 -6.65
C THR C 73 -2.07 -23.97 -7.50
N LEU C 74 -1.89 -22.65 -7.46
CA LEU C 74 -2.64 -21.70 -8.28
C LEU C 74 -1.87 -21.44 -9.57
N THR C 75 -2.58 -21.41 -10.70
CA THR C 75 -1.89 -21.50 -11.98
C THR C 75 -2.50 -20.53 -12.98
N ILE C 76 -1.68 -19.57 -13.43
CA ILE C 76 -2.07 -18.63 -14.49
C ILE C 76 -1.48 -19.12 -15.81
N SER C 77 -2.35 -19.46 -16.76
CA SER C 77 -1.88 -19.97 -18.04
C SER C 77 -1.03 -18.94 -18.78
N SER C 78 -1.46 -17.69 -18.79
CA SER C 78 -0.78 -16.63 -19.56
C SER C 78 -0.98 -15.31 -18.81
N LEU C 79 0.10 -14.73 -18.28
CA LEU C 79 -0.09 -13.45 -17.60
C LEU C 79 -0.68 -12.40 -18.53
N GLN C 80 -1.67 -11.67 -18.00
CA GLN C 80 -1.96 -10.30 -18.38
C GLN C 80 -1.22 -9.35 -17.48
N PRO C 81 -1.05 -8.10 -17.90
CA PRO C 81 -0.38 -7.13 -17.03
C PRO C 81 -1.20 -6.74 -15.81
N GLU C 82 -2.54 -6.70 -15.90
CA GLU C 82 -3.34 -6.37 -14.73
C GLU C 82 -3.06 -7.31 -13.57
N ASP C 83 -2.67 -8.54 -13.88
CA ASP C 83 -2.42 -9.60 -12.91
C ASP C 83 -1.26 -9.31 -11.97
N PHE C 84 -0.65 -8.15 -12.04
CA PHE C 84 0.19 -7.70 -10.93
C PHE C 84 -0.60 -7.64 -9.62
N ALA C 85 -0.16 -8.44 -8.64
CA ALA C 85 -0.72 -8.48 -7.29
C ALA C 85 0.07 -9.43 -6.40
N THR C 86 -0.24 -9.43 -5.11
CA THR C 86 0.26 -10.44 -4.18
C THR C 86 -0.84 -11.48 -3.99
N TYR C 87 -0.46 -12.76 -4.11
CA TYR C 87 -1.41 -13.87 -4.05
C TYR C 87 -1.19 -14.65 -2.77
N TYR C 88 -2.29 -15.00 -2.10
CA TYR C 88 -2.29 -15.74 -0.85
C TYR C 88 -3.12 -17.02 -0.96
N CYS C 89 -2.57 -18.14 -0.50
CA CYS C 89 -3.38 -19.31 -0.18
C CYS C 89 -3.96 -19.12 1.21
N GLN C 90 -5.15 -19.69 1.43
CA GLN C 90 -5.75 -19.84 2.75
C GLN C 90 -6.28 -21.25 2.88
N GLN C 91 -6.25 -21.74 4.14
CA GLN C 91 -6.89 -22.98 4.53
C GLN C 91 -7.99 -22.63 5.52
N SER C 92 -9.20 -23.13 5.27
CA SER C 92 -10.24 -23.10 6.28
C SER C 92 -10.75 -24.52 6.51
N TYR C 93 -9.84 -25.49 6.60
CA TYR C 93 -10.22 -26.83 7.02
C TYR C 93 -10.41 -26.94 8.53
N SER C 94 -9.65 -26.17 9.29
CA SER C 94 -9.82 -26.12 10.72
C SER C 94 -9.54 -24.69 11.21
N PHE C 95 -10.03 -24.38 12.45
CA PHE C 95 -9.67 -23.17 13.15
C PHE C 95 -8.54 -23.47 14.12
N PRO C 96 -7.66 -22.53 14.37
CA PRO C 96 -7.52 -21.25 13.67
C PRO C 96 -7.26 -21.42 12.17
N SER C 97 -7.81 -20.50 11.39
CA SER C 97 -7.60 -20.49 9.96
C SER C 97 -6.19 -19.94 9.71
N THR C 98 -5.71 -20.05 8.48
CA THR C 98 -4.30 -19.79 8.19
C THR C 98 -4.04 -19.45 6.72
N PHE C 99 -3.19 -18.43 6.52
CA PHE C 99 -2.80 -17.95 5.19
C PHE C 99 -1.32 -18.21 4.85
N GLY C 100 -1.04 -18.30 3.55
CA GLY C 100 0.33 -18.28 3.12
C GLY C 100 0.97 -16.93 3.33
N GLN C 101 2.29 -16.92 3.39
CA GLN C 101 3.05 -15.69 3.43
C GLN C 101 2.89 -14.85 2.17
N GLY C 102 2.31 -15.42 1.12
CA GLY C 102 1.96 -14.69 -0.08
C GLY C 102 3.03 -14.77 -1.14
N THR C 103 2.68 -14.38 -2.36
CA THR C 103 3.67 -14.32 -3.44
C THR C 103 3.48 -13.07 -4.28
N LYS C 104 4.53 -12.25 -4.38
CA LYS C 104 4.46 -10.98 -5.10
C LYS C 104 4.90 -11.17 -6.53
N VAL C 105 4.03 -10.79 -7.46
CA VAL C 105 4.17 -11.09 -8.88
C VAL C 105 4.50 -9.78 -9.60
N GLU C 106 5.42 -9.84 -10.57
CA GLU C 106 5.81 -8.65 -11.29
C GLU C 106 5.73 -8.83 -12.81
N ILE C 107 5.20 -7.79 -13.45
CA ILE C 107 5.08 -7.71 -14.90
C ILE C 107 6.51 -7.64 -15.45
N LYS C 108 6.69 -7.86 -16.75
CA LYS C 108 7.98 -7.69 -17.40
C LYS C 108 7.78 -7.09 -18.78
N ARG C 109 8.35 -5.90 -18.99
CA ARG C 109 8.24 -5.12 -20.22
C ARG C 109 9.65 -4.85 -20.74
N THR C 110 9.75 -4.19 -21.90
CA THR C 110 11.07 -3.75 -22.32
C THR C 110 11.62 -2.73 -21.31
N VAL C 111 12.88 -2.34 -21.50
CA VAL C 111 13.47 -1.35 -20.61
C VAL C 111 12.88 0.02 -20.94
N ALA C 112 12.67 0.84 -19.93
CA ALA C 112 12.40 2.25 -20.14
C ALA C 112 13.32 3.06 -19.23
N ALA C 113 14.00 4.04 -19.82
CA ALA C 113 14.86 4.89 -19.02
C ALA C 113 14.01 5.80 -18.13
N PRO C 114 14.53 6.19 -16.98
CA PRO C 114 13.79 7.12 -16.13
C PRO C 114 13.86 8.55 -16.66
N SER C 115 12.71 9.21 -16.71
CA SER C 115 12.68 10.67 -16.77
C SER C 115 13.13 11.20 -15.43
N VAL C 116 14.02 12.18 -15.43
CA VAL C 116 14.62 12.66 -14.18
C VAL C 116 14.39 14.15 -14.02
N PHE C 117 14.09 14.56 -12.79
CA PHE C 117 13.94 15.96 -12.43
C PHE C 117 14.49 16.16 -11.03
N ILE C 118 14.80 17.42 -10.68
CA ILE C 118 15.30 17.74 -9.35
C ILE C 118 14.61 19.00 -8.83
N PHE C 119 14.21 18.97 -7.56
CA PHE C 119 13.42 20.01 -6.92
C PHE C 119 14.18 20.65 -5.75
N PRO C 120 14.41 21.96 -5.81
CA PRO C 120 15.14 22.63 -4.72
C PRO C 120 14.19 23.13 -3.66
N PRO C 121 14.57 23.08 -2.38
CA PRO C 121 13.58 23.23 -1.30
C PRO C 121 12.82 24.55 -1.35
N SER C 122 11.52 24.45 -1.07
CA SER C 122 10.56 25.53 -1.21
C SER C 122 10.85 26.68 -0.23
N ASP C 123 10.46 27.90 -0.64
CA ASP C 123 10.86 29.08 0.12
C ASP C 123 10.18 29.17 1.47
N GLU C 124 8.97 28.63 1.58
CA GLU C 124 8.35 28.47 2.90
C GLU C 124 9.22 27.59 3.80
N GLN C 125 9.64 26.43 3.27
CA GLN C 125 10.38 25.46 4.05
C GLN C 125 11.64 26.10 4.64
N LEU C 126 12.47 26.70 3.78
CA LEU C 126 13.70 27.29 4.25
C LEU C 126 13.44 28.34 5.32
N LYS C 127 12.27 28.97 5.32
CA LYS C 127 11.99 29.82 6.46
C LYS C 127 11.90 29.03 7.75
N SER C 128 11.27 27.85 7.69
CA SER C 128 11.06 27.04 8.88
C SER C 128 12.30 26.27 9.32
N GLY C 129 13.46 26.58 8.74
CA GLY C 129 14.72 25.99 9.13
C GLY C 129 15.06 24.65 8.50
N THR C 130 14.16 24.08 7.69
CA THR C 130 14.40 22.78 7.07
C THR C 130 14.69 22.99 5.59
N ALA C 131 15.35 22.01 4.98
CA ALA C 131 15.76 22.11 3.58
C ALA C 131 15.76 20.70 2.99
N SER C 132 14.75 20.41 2.16
CA SER C 132 14.64 19.10 1.52
C SER C 132 14.77 19.26 0.02
N VAL C 133 15.68 18.48 -0.57
CA VAL C 133 15.90 18.46 -2.00
C VAL C 133 15.37 17.13 -2.53
N VAL C 134 14.53 17.20 -3.56
CA VAL C 134 13.82 16.04 -4.06
C VAL C 134 14.28 15.74 -5.48
N CYS C 135 14.47 14.47 -5.78
CA CYS C 135 14.87 14.02 -7.10
C CYS C 135 13.92 12.92 -7.54
N LEU C 136 13.39 13.02 -8.75
CA LEU C 136 12.33 12.15 -9.25
C LEU C 136 12.82 11.34 -10.46
N LEU C 137 12.61 10.02 -10.42
CA LEU C 137 12.95 9.12 -11.52
C LEU C 137 11.63 8.55 -12.00
N ASN C 138 11.18 8.94 -13.18
CA ASN C 138 9.77 8.85 -13.51
C ASN C 138 9.54 7.73 -14.52
N ASN C 139 8.58 6.87 -14.22
CA ASN C 139 8.02 5.94 -15.20
C ASN C 139 9.10 5.09 -15.88
N PHE C 140 9.82 4.29 -15.09
CA PHE C 140 10.92 3.53 -15.64
C PHE C 140 10.80 2.06 -15.27
N TYR C 141 11.69 1.27 -15.86
CA TYR C 141 11.76 -0.18 -15.75
C TYR C 141 13.03 -0.70 -16.40
N PRO C 142 13.71 -1.66 -15.76
CA PRO C 142 13.41 -2.24 -14.44
C PRO C 142 13.80 -1.37 -13.27
N ARG C 143 13.20 -1.69 -12.12
CA ARG C 143 13.25 -0.84 -10.93
C ARG C 143 14.64 -0.73 -10.37
N GLU C 144 15.52 -1.62 -10.73
CA GLU C 144 16.82 -1.62 -10.10
C GLU C 144 17.59 -0.40 -10.59
N ALA C 145 17.70 0.59 -9.71
CA ALA C 145 18.27 1.86 -10.11
C ALA C 145 19.07 2.41 -8.94
N LYS C 146 20.19 3.01 -9.26
CA LYS C 146 21.10 3.61 -8.29
C LYS C 146 20.98 5.11 -8.41
N VAL C 147 20.79 5.76 -7.27
CA VAL C 147 20.79 7.22 -7.13
C VAL C 147 21.97 7.61 -6.27
N GLN C 148 22.62 8.72 -6.60
CA GLN C 148 23.72 9.23 -5.79
C GLN C 148 23.61 10.73 -5.71
N TRP C 149 23.49 11.24 -4.49
CA TRP C 149 23.56 12.68 -4.27
C TRP C 149 25.02 13.10 -4.13
N LYS C 150 25.37 14.19 -4.80
CA LYS C 150 26.66 14.84 -4.62
C LYS C 150 26.41 16.32 -4.33
N VAL C 151 27.02 16.82 -3.26
CA VAL C 151 26.88 18.22 -2.89
C VAL C 151 28.26 18.85 -3.06
N ASP C 152 28.38 19.74 -4.05
CA ASP C 152 29.66 20.36 -4.40
C ASP C 152 30.67 19.27 -4.75
N ASN C 153 30.20 18.26 -5.50
CA ASN C 153 31.01 17.12 -5.96
C ASN C 153 31.53 16.29 -4.81
N ALA C 154 30.77 16.20 -3.74
CA ALA C 154 31.02 15.26 -2.66
C ALA C 154 29.84 14.31 -2.59
N LEU C 155 30.13 13.01 -2.64
CA LEU C 155 29.08 12.00 -2.55
C LEU C 155 28.49 12.01 -1.14
N GLN C 156 27.16 12.02 -1.05
CA GLN C 156 26.49 12.02 0.25
C GLN C 156 26.19 10.60 0.71
N SER C 157 26.02 10.45 2.01
CA SER C 157 25.92 9.10 2.55
C SER C 157 25.05 9.12 3.81
N GLY C 158 23.80 8.70 3.69
CA GLY C 158 22.98 8.49 4.86
C GLY C 158 22.13 9.68 5.28
N ASN C 159 21.71 10.52 4.34
CA ASN C 159 20.77 11.61 4.62
C ASN C 159 19.72 11.70 3.53
N SER C 160 19.71 10.77 2.60
CA SER C 160 18.67 10.66 1.61
C SER C 160 17.82 9.44 1.93
N GLN C 161 16.55 9.50 1.55
CA GLN C 161 15.59 8.41 1.69
C GLN C 161 14.78 8.35 0.41
N GLU C 162 14.58 7.17 -0.14
CA GLU C 162 13.79 7.11 -1.35
C GLU C 162 12.58 6.21 -1.13
N SER C 163 11.64 6.27 -2.07
CA SER C 163 10.48 5.41 -2.07
C SER C 163 10.01 5.24 -3.51
N VAL C 164 9.32 4.13 -3.78
CA VAL C 164 8.98 3.74 -5.15
C VAL C 164 7.49 3.44 -5.25
N THR C 165 6.92 3.75 -6.41
CA THR C 165 5.57 3.29 -6.71
C THR C 165 5.56 1.79 -6.95
N GLU C 166 4.38 1.18 -6.85
CA GLU C 166 4.21 -0.15 -7.41
C GLU C 166 4.18 -0.08 -8.92
N GLN C 167 4.10 -1.24 -9.55
CA GLN C 167 4.05 -1.33 -11.00
C GLN C 167 2.74 -0.78 -11.53
N ASP C 168 2.77 0.35 -12.23
CA ASP C 168 1.54 0.84 -12.83
C ASP C 168 1.05 -0.25 -13.78
N SER C 169 -0.06 -0.92 -13.43
CA SER C 169 -0.45 -2.13 -14.13
C SER C 169 -0.72 -1.88 -15.60
N LYS C 170 -1.25 -0.70 -15.94
CA LYS C 170 -1.27 -0.32 -17.34
C LYS C 170 0.15 -0.12 -17.86
N ASP C 171 0.96 0.64 -17.11
CA ASP C 171 2.32 0.99 -17.55
C ASP C 171 3.31 -0.17 -17.44
N SER C 172 3.21 -0.96 -16.36
CA SER C 172 4.21 -1.96 -15.98
C SER C 172 5.57 -1.32 -15.71
N THR C 173 5.57 -0.14 -15.12
CA THR C 173 6.78 0.64 -14.88
C THR C 173 6.75 1.20 -13.46
N TYR C 174 7.82 1.90 -13.09
CA TYR C 174 8.08 2.33 -11.72
C TYR C 174 8.43 3.81 -11.69
N SER C 175 8.30 4.43 -10.51
CA SER C 175 8.74 5.80 -10.30
C SER C 175 9.37 5.90 -8.93
N LEU C 176 10.48 6.64 -8.82
CA LEU C 176 11.24 6.72 -7.58
C LEU C 176 11.38 8.18 -7.16
N SER C 177 11.38 8.41 -5.85
CA SER C 177 11.58 9.75 -5.31
C SER C 177 12.63 9.69 -4.21
N SER C 178 13.85 10.13 -4.53
CA SER C 178 14.95 10.21 -3.57
C SER C 178 15.01 11.61 -2.99
N THR C 179 15.26 11.68 -1.69
CA THR C 179 15.06 12.89 -0.92
C THR C 179 16.22 13.10 0.02
N LEU C 180 17.05 14.07 -0.33
CA LEU C 180 18.13 14.55 0.52
C LEU C 180 17.56 15.60 1.47
N THR C 181 17.91 15.48 2.76
CA THR C 181 17.42 16.41 3.77
C THR C 181 18.58 16.92 4.62
N LEU C 182 18.62 18.23 4.81
CA LEU C 182 19.66 18.90 5.57
C LEU C 182 19.04 19.96 6.46
N SER C 183 19.79 20.37 7.49
CA SER C 183 19.49 21.61 8.18
C SER C 183 19.67 22.80 7.24
N LYS C 184 18.93 23.88 7.52
CA LYS C 184 19.07 25.10 6.72
C LYS C 184 20.50 25.60 6.71
N ALA C 185 21.18 25.53 7.86
CA ALA C 185 22.58 25.91 7.90
C ALA C 185 23.42 25.03 6.98
N ASP C 186 23.27 23.71 7.08
CA ASP C 186 24.02 22.84 6.15
C ASP C 186 23.63 23.07 4.72
N TYR C 187 22.38 23.51 4.47
CA TYR C 187 21.99 23.82 3.09
C TYR C 187 22.65 25.10 2.60
N GLU C 188 22.80 26.10 3.46
CA GLU C 188 23.41 27.35 3.03
C GLU C 188 24.93 27.28 2.93
N LYS C 189 25.52 26.12 3.20
CA LYS C 189 26.97 25.91 3.11
C LYS C 189 27.44 25.41 1.76
N HIS C 190 26.56 25.25 0.77
CA HIS C 190 27.00 24.69 -0.48
C HIS C 190 26.24 25.33 -1.64
N LYS C 191 26.88 25.36 -2.81
CA LYS C 191 26.26 25.96 -3.99
C LYS C 191 25.51 24.92 -4.83
N VAL C 192 26.21 23.87 -5.24
CA VAL C 192 25.71 22.96 -6.26
C VAL C 192 25.13 21.71 -5.59
N TYR C 193 23.92 21.32 -6.01
CA TYR C 193 23.25 20.13 -5.54
C TYR C 193 22.86 19.25 -6.73
N ALA C 194 23.31 17.99 -6.73
CA ALA C 194 23.14 17.13 -7.89
C ALA C 194 22.70 15.73 -7.48
N CYS C 195 22.06 15.06 -8.44
CA CYS C 195 21.38 13.78 -8.27
C CYS C 195 21.84 12.86 -9.40
N GLU C 196 22.60 11.82 -9.08
CA GLU C 196 23.20 11.02 -10.14
C GLU C 196 22.50 9.68 -10.23
N VAL C 197 21.82 9.46 -11.36
CA VAL C 197 21.04 8.26 -11.62
C VAL C 197 21.89 7.30 -12.42
N THR C 198 22.00 6.07 -11.99
CA THR C 198 22.47 5.01 -12.87
C THR C 198 21.32 4.02 -13.06
N HIS C 199 20.88 3.87 -14.30
CA HIS C 199 19.82 2.92 -14.65
C HIS C 199 20.18 2.23 -15.95
N GLN C 200 19.63 1.04 -16.11
CA GLN C 200 19.97 0.19 -17.25
C GLN C 200 19.53 0.81 -18.57
N GLY C 201 18.46 1.60 -18.56
CA GLY C 201 18.01 2.28 -19.77
C GLY C 201 18.81 3.48 -20.15
N LEU C 202 19.71 3.91 -19.27
CA LEU C 202 20.60 5.01 -19.56
C LEU C 202 21.95 4.42 -19.95
N SER C 203 22.52 4.92 -21.04
CA SER C 203 23.87 4.53 -21.41
C SER C 203 24.92 5.26 -20.61
N SER C 204 24.54 6.33 -19.90
CA SER C 204 25.45 7.19 -19.17
C SER C 204 24.71 7.79 -17.99
N PRO C 205 25.29 7.71 -16.78
CA PRO C 205 24.63 8.27 -15.59
C PRO C 205 24.17 9.73 -15.71
N VAL C 206 22.85 9.89 -15.76
CA VAL C 206 22.19 11.17 -15.94
C VAL C 206 22.18 11.96 -14.64
N THR C 207 22.56 13.24 -14.72
CA THR C 207 22.63 14.14 -13.56
C THR C 207 21.73 15.33 -13.83
N LYS C 208 20.73 15.52 -13.00
CA LYS C 208 20.04 16.79 -12.99
C LYS C 208 20.52 17.53 -11.73
N SER C 209 20.75 18.83 -11.87
CA SER C 209 21.34 19.58 -10.76
C SER C 209 20.87 21.03 -10.78
N PHE C 210 21.10 21.72 -9.67
CA PHE C 210 20.81 23.14 -9.56
C PHE C 210 21.84 23.80 -8.65
N ASN C 211 21.98 25.11 -8.80
CA ASN C 211 22.76 25.93 -7.89
C ASN C 211 21.83 26.64 -6.91
N ARG C 212 22.30 26.82 -5.69
CA ARG C 212 21.57 27.58 -4.69
C ARG C 212 21.40 29.04 -5.07
N GLY C 213 20.17 29.49 -5.33
CA GLY C 213 19.86 30.89 -5.57
C GLY C 213 19.38 31.21 -6.97
N GLU C 214 19.87 30.47 -7.98
CA GLU C 214 19.56 30.76 -9.38
C GLU C 214 18.04 30.79 -9.61
N CYS C 215 17.58 31.82 -10.30
CA CYS C 215 16.15 32.06 -10.44
C CYS C 215 15.54 31.33 -11.63
#